data_8WXQ
#
_entry.id   8WXQ
#
_cell.length_a   116.349
_cell.length_b   47.420
_cell.length_c   129.474
_cell.angle_alpha   90.00
_cell.angle_beta   113.18
_cell.angle_gamma   90.00
#
_symmetry.space_group_name_H-M   'C 1 2 1'
#
loop_
_entity.id
_entity.type
_entity.pdbx_description
1 polymer 'WD repeat-containing protein 5'
2 polymer GLY-ALA-ALA-ARG-CYS-ARG-VAL-PHE-SER-PRO
3 water water
#
loop_
_entity_poly.entity_id
_entity_poly.type
_entity_poly.pdbx_seq_one_letter_code
_entity_poly.pdbx_strand_id
1 'polypeptide(L)'
;GSHMTQSKPTPVKPNYALKFTLAGHTKAVSSVKFSPNGEWLASSSADKLIKIWGAYDGKFEKTISGHKLGISDVAWSSDS
NLLVSASDDKTLKIWDVSSGKCLKTLKGHSNYVFCCNFNPQSNLIVSGSFDESVRIWDVKTGKCLKTLPAHSDPVSAVHF
NRDGSLIVSSSYDGLCRIWDTASGQCLKTLIDDDNPPVSFVKFSPNGKYILAATLDNTLKLWDYSKGKCLKTYTGHKNEK
YCIFANFSVTGGKWIVSGSEDNLVYIWNLQTKEIVQKLQGHTDVVISTACHPTENIIASAALENDKTIKLWKSDC
;
A,B
2 'polypeptide(L)' GAARCRVFSPQG C,D
#
# COMPACT_ATOMS: atom_id res chain seq x y z
N VAL A 12 24.98 -2.46 13.85
CA VAL A 12 23.91 -2.46 12.86
C VAL A 12 23.36 -1.05 12.69
N LYS A 13 23.13 -0.64 11.43
CA LYS A 13 22.54 0.64 11.12
C LYS A 13 21.56 0.47 9.97
N PRO A 14 20.50 1.27 9.94
CA PRO A 14 19.54 1.18 8.83
C PRO A 14 20.11 1.84 7.57
N ASN A 15 19.44 1.60 6.45
CA ASN A 15 19.86 2.18 5.17
C ASN A 15 18.64 2.72 4.43
N TYR A 16 17.81 3.49 5.13
CA TYR A 16 16.63 4.07 4.51
C TYR A 16 17.01 4.85 3.26
N ALA A 17 16.29 4.59 2.17
CA ALA A 17 16.51 5.23 0.89
C ALA A 17 15.18 5.73 0.38
N LEU A 18 15.22 6.90 -0.26
CA LEU A 18 14.01 7.53 -0.76
C LEU A 18 13.37 6.66 -1.85
N LYS A 19 12.06 6.47 -1.75
CA LYS A 19 11.30 5.66 -2.70
C LYS A 19 10.27 6.46 -3.45
N PHE A 20 9.55 7.36 -2.77
CA PHE A 20 8.53 8.18 -3.41
C PHE A 20 8.51 9.55 -2.77
N THR A 21 8.21 10.56 -3.58
CA THR A 21 7.87 11.88 -3.09
C THR A 21 6.43 12.15 -3.51
N LEU A 22 5.58 12.43 -2.54
CA LEU A 22 4.14 12.60 -2.76
C LEU A 22 3.79 14.08 -2.69
N ALA A 23 3.45 14.65 -3.84
CA ALA A 23 3.04 16.04 -3.94
C ALA A 23 1.53 16.14 -4.12
N GLY A 24 0.98 17.30 -3.73
CA GLY A 24 -0.44 17.57 -3.91
C GLY A 24 -1.09 18.43 -2.87
N HIS A 25 -0.58 18.43 -1.63
CA HIS A 25 -1.03 19.42 -0.67
C HIS A 25 -0.56 20.80 -1.11
N THR A 26 -1.42 21.81 -0.93
CA THR A 26 -1.12 23.16 -1.39
C THR A 26 -0.67 24.12 -0.29
N LYS A 27 -0.59 23.65 0.95
CA LYS A 27 0.06 24.35 2.06
C LYS A 27 0.84 23.31 2.86
N ALA A 28 1.51 23.79 3.91
CA ALA A 28 2.30 22.93 4.79
C ALA A 28 1.55 21.65 5.17
N VAL A 29 2.25 20.54 5.12
CA VAL A 29 1.70 19.31 5.68
C VAL A 29 1.87 19.37 7.19
N SER A 30 0.93 18.79 7.93
CA SER A 30 1.00 18.84 9.39
C SER A 30 1.28 17.48 10.02
N SER A 31 0.73 16.39 9.48
CA SER A 31 1.01 15.08 10.06
C SER A 31 0.75 13.98 9.07
N VAL A 32 1.53 12.91 9.18
CA VAL A 32 1.33 11.69 8.42
C VAL A 32 1.24 10.54 9.39
N LYS A 33 0.35 9.59 9.08
CA LYS A 33 0.10 8.40 9.89
C LYS A 33 -0.17 7.22 8.96
N PHE A 34 0.48 6.09 9.22
CA PHE A 34 0.15 4.83 8.55
C PHE A 34 -1.06 4.17 9.20
N SER A 35 -1.92 3.59 8.37
CA SER A 35 -3.03 2.81 8.91
C SER A 35 -2.47 1.62 9.68
N PRO A 36 -3.13 1.18 10.75
CA PRO A 36 -2.67 -0.02 11.47
C PRO A 36 -2.55 -1.25 10.60
N ASN A 37 -3.39 -1.39 9.57
CA ASN A 37 -3.31 -2.55 8.69
C ASN A 37 -2.22 -2.46 7.64
N GLY A 38 -1.48 -1.35 7.60
CA GLY A 38 -0.33 -1.18 6.74
C GLY A 38 -0.63 -0.78 5.31
N GLU A 39 -1.90 -0.68 4.93
CA GLU A 39 -2.25 -0.44 3.53
C GLU A 39 -2.12 1.02 3.11
N TRP A 40 -2.34 1.95 4.03
CA TRP A 40 -2.49 3.36 3.69
C TRP A 40 -1.61 4.27 4.53
N LEU A 41 -1.28 5.41 3.92
CA LEU A 41 -0.77 6.59 4.60
C LEU A 41 -1.83 7.68 4.51
N ALA A 42 -2.15 8.30 5.64
CA ALA A 42 -2.98 9.49 5.65
C ALA A 42 -2.10 10.70 5.97
N SER A 43 -2.37 11.81 5.30
CA SER A 43 -1.69 13.08 5.56
C SER A 43 -2.73 14.16 5.80
N SER A 44 -2.46 15.04 6.75
CA SER A 44 -3.29 16.21 7.02
C SER A 44 -2.48 17.46 6.72
N SER A 45 -3.17 18.56 6.45
CA SER A 45 -2.44 19.73 5.97
C SER A 45 -3.11 21.01 6.42
N ALA A 46 -2.29 22.06 6.48
CA ALA A 46 -2.80 23.42 6.62
C ALA A 46 -3.74 23.80 5.48
N ASP A 47 -3.73 23.08 4.36
CA ASP A 47 -4.63 23.36 3.26
C ASP A 47 -6.05 22.85 3.49
N LYS A 48 -6.38 22.38 4.71
CA LYS A 48 -7.73 21.95 5.14
C LYS A 48 -8.07 20.54 4.68
N LEU A 49 -7.14 19.82 4.08
CA LEU A 49 -7.43 18.54 3.45
C LEU A 49 -6.74 17.38 4.13
N ILE A 50 -7.36 16.21 4.02
CA ILE A 50 -6.73 14.94 4.32
C ILE A 50 -6.51 14.21 3.00
N LYS A 51 -5.34 13.63 2.80
CA LYS A 51 -5.10 12.83 1.62
C LYS A 51 -4.71 11.41 2.01
N ILE A 52 -5.23 10.44 1.27
CA ILE A 52 -4.93 9.02 1.47
C ILE A 52 -4.09 8.54 0.30
N TRP A 53 -2.99 7.84 0.63
CA TRP A 53 -1.98 7.35 -0.31
C TRP A 53 -1.72 5.87 -0.06
N GLY A 54 -1.33 5.16 -1.11
CA GLY A 54 -0.94 3.76 -0.96
C GLY A 54 0.42 3.67 -0.29
N ALA A 55 0.51 2.84 0.76
CA ALA A 55 1.74 2.80 1.55
C ALA A 55 2.89 2.19 0.79
N TYR A 56 2.61 1.28 -0.15
CA TYR A 56 3.67 0.55 -0.82
C TYR A 56 4.01 1.09 -2.21
N ASP A 57 3.05 1.67 -2.92
CA ASP A 57 3.31 2.21 -4.24
C ASP A 57 3.27 3.74 -4.30
N GLY A 58 2.99 4.40 -3.18
CA GLY A 58 2.93 5.86 -3.16
C GLY A 58 1.77 6.47 -3.89
N LYS A 59 0.87 5.65 -4.43
CA LYS A 59 -0.18 6.13 -5.31
C LYS A 59 -1.24 6.89 -4.54
N PHE A 60 -1.55 8.10 -5.01
CA PHE A 60 -2.63 8.88 -4.44
C PHE A 60 -3.95 8.12 -4.53
N GLU A 61 -4.67 8.07 -3.42
CA GLU A 61 -5.95 7.36 -3.37
C GLU A 61 -7.13 8.32 -3.32
N LYS A 62 -7.14 9.26 -2.38
CA LYS A 62 -8.28 10.18 -2.36
C LYS A 62 -7.99 11.40 -1.51
N THR A 63 -8.83 12.41 -1.66
CA THR A 63 -8.85 13.60 -0.82
C THR A 63 -10.15 13.61 -0.01
N ILE A 64 -10.02 13.90 1.27
CA ILE A 64 -11.12 13.98 2.22
C ILE A 64 -11.19 15.42 2.72
N SER A 65 -12.36 16.05 2.61
CA SER A 65 -12.49 17.46 2.87
C SER A 65 -13.74 17.74 3.70
N GLY A 66 -13.80 18.95 4.24
CA GLY A 66 -14.92 19.40 5.04
C GLY A 66 -14.54 20.35 6.16
N HIS A 67 -13.30 20.28 6.65
CA HIS A 67 -12.85 21.26 7.62
C HIS A 67 -12.77 22.64 6.96
N LYS A 68 -13.16 23.67 7.72
CA LYS A 68 -13.18 25.04 7.22
C LYS A 68 -11.85 25.76 7.38
N LEU A 69 -11.00 25.30 8.28
CA LEU A 69 -9.66 25.82 8.47
C LEU A 69 -8.67 24.66 8.43
N GLY A 70 -7.39 24.97 8.54
CA GLY A 70 -6.37 23.94 8.41
C GLY A 70 -6.42 22.89 9.51
N ILE A 71 -5.71 21.79 9.26
CA ILE A 71 -5.70 20.60 10.13
C ILE A 71 -4.30 20.43 10.70
N SER A 72 -4.21 20.21 12.01
CA SER A 72 -2.94 19.98 12.69
C SER A 72 -2.61 18.52 12.96
N ASP A 73 -3.58 17.62 12.87
CA ASP A 73 -3.33 16.22 13.22
C ASP A 73 -4.43 15.34 12.64
N VAL A 74 -4.08 14.08 12.39
CA VAL A 74 -5.03 13.08 11.95
C VAL A 74 -4.60 11.76 12.56
N ALA A 75 -5.57 10.88 12.85
CA ALA A 75 -5.25 9.59 13.44
C ALA A 75 -6.24 8.53 12.97
N TRP A 76 -5.77 7.28 12.93
CA TRP A 76 -6.53 6.12 12.48
C TRP A 76 -7.17 5.39 13.67
N SER A 77 -8.36 4.83 13.44
CA SER A 77 -8.90 3.86 14.38
C SER A 77 -8.10 2.56 14.27
N SER A 78 -8.28 1.69 15.28
CA SER A 78 -7.46 0.49 15.32
CA SER A 78 -7.49 0.46 15.35
C SER A 78 -7.79 -0.48 14.19
N ASP A 79 -9.00 -0.43 13.64
CA ASP A 79 -9.39 -1.29 12.53
C ASP A 79 -9.15 -0.64 11.17
N SER A 80 -8.52 0.53 11.13
CA SER A 80 -8.16 1.27 9.90
C SER A 80 -9.38 1.74 9.12
N ASN A 81 -10.57 1.71 9.71
CA ASN A 81 -11.76 2.12 8.96
C ASN A 81 -12.11 3.59 9.16
N LEU A 82 -11.71 4.17 10.29
CA LEU A 82 -12.04 5.56 10.59
C LEU A 82 -10.78 6.41 10.66
N LEU A 83 -10.99 7.71 10.44
CA LEU A 83 -9.98 8.72 10.72
C LEU A 83 -10.59 9.76 11.64
N VAL A 84 -9.77 10.37 12.48
CA VAL A 84 -10.17 11.56 13.22
C VAL A 84 -9.16 12.67 12.92
N SER A 85 -9.67 13.88 12.71
CA SER A 85 -8.83 15.03 12.41
C SER A 85 -9.10 16.15 13.41
N ALA A 86 -8.05 16.93 13.68
CA ALA A 86 -8.09 18.07 14.61
C ALA A 86 -7.76 19.34 13.85
N SER A 87 -8.63 20.36 13.98
CA SER A 87 -8.56 21.53 13.10
C SER A 87 -8.51 22.84 13.87
N ASP A 88 -7.95 23.85 13.21
CA ASP A 88 -8.03 25.22 13.70
C ASP A 88 -9.47 25.72 13.77
N ASP A 89 -10.41 25.05 13.09
CA ASP A 89 -11.80 25.46 13.22
C ASP A 89 -12.43 25.04 14.55
N LYS A 90 -11.62 24.55 15.49
CA LYS A 90 -11.99 24.25 16.88
C LYS A 90 -12.77 22.96 16.98
N THR A 91 -12.90 22.20 15.90
CA THR A 91 -13.60 20.92 15.95
C THR A 91 -12.64 19.79 15.63
N LEU A 92 -13.08 18.57 15.95
CA LEU A 92 -12.54 17.38 15.31
C LEU A 92 -13.58 16.82 14.37
N LYS A 93 -13.13 16.07 13.38
CA LYS A 93 -14.08 15.35 12.53
C LYS A 93 -13.71 13.87 12.49
N ILE A 94 -14.73 13.03 12.59
CA ILE A 94 -14.61 11.58 12.40
C ILE A 94 -15.09 11.26 11.00
N TRP A 95 -14.23 10.58 10.23
CA TRP A 95 -14.42 10.27 8.83
C TRP A 95 -14.46 8.76 8.62
N ASP A 96 -15.38 8.33 7.75
CA ASP A 96 -15.34 6.99 7.17
C ASP A 96 -14.41 6.98 5.96
N VAL A 97 -13.32 6.23 6.06
CA VAL A 97 -12.25 6.32 5.07
C VAL A 97 -12.70 5.85 3.69
N SER A 98 -13.43 4.72 3.62
CA SER A 98 -13.74 4.14 2.31
C SER A 98 -14.63 5.08 1.49
N SER A 99 -15.56 5.75 2.14
CA SER A 99 -16.45 6.68 1.50
C SER A 99 -15.94 8.12 1.48
N GLY A 100 -15.19 8.51 2.51
CA GLY A 100 -14.78 9.90 2.65
C GLY A 100 -15.77 10.80 3.35
N LYS A 101 -16.87 10.26 3.87
CA LYS A 101 -17.91 11.10 4.46
C LYS A 101 -17.53 11.46 5.89
N CYS A 102 -17.86 12.69 6.28
CA CYS A 102 -17.75 13.07 7.67
C CYS A 102 -18.87 12.40 8.45
N LEU A 103 -18.50 11.55 9.41
CA LEU A 103 -19.49 10.86 10.22
C LEU A 103 -19.90 11.69 11.41
N LYS A 104 -18.92 12.32 12.08
CA LYS A 104 -19.25 13.17 13.20
C LYS A 104 -18.38 14.42 13.20
N THR A 105 -18.93 15.52 13.73
CA THR A 105 -18.16 16.71 14.03
C THR A 105 -18.17 16.89 15.54
N LEU A 106 -16.98 16.84 16.14
CA LEU A 106 -16.78 16.91 17.58
C LEU A 106 -16.58 18.37 17.97
N LYS A 107 -17.55 18.92 18.70
CA LYS A 107 -17.61 20.33 19.04
C LYS A 107 -17.53 20.49 20.55
N GLY A 108 -16.84 21.54 21.00
CA GLY A 108 -16.68 21.77 22.43
C GLY A 108 -15.37 22.43 22.82
N HIS A 109 -14.32 22.25 22.02
CA HIS A 109 -13.11 23.03 22.24
C HIS A 109 -13.34 24.49 21.86
N SER A 110 -12.75 25.40 22.62
CA SER A 110 -12.92 26.83 22.40
C SER A 110 -11.76 27.47 21.66
N ASN A 111 -10.80 26.67 21.17
CA ASN A 111 -9.67 27.16 20.40
C ASN A 111 -9.18 26.01 19.52
N TYR A 112 -8.08 26.26 18.80
CA TYR A 112 -7.54 25.29 17.86
C TYR A 112 -7.43 23.91 18.50
N VAL A 113 -7.89 22.88 17.80
CA VAL A 113 -7.61 21.51 18.19
C VAL A 113 -6.29 21.12 17.54
N PHE A 114 -5.33 20.71 18.36
CA PHE A 114 -3.94 20.52 17.97
C PHE A 114 -3.59 19.05 17.72
N CYS A 115 -4.16 18.14 18.49
CA CYS A 115 -3.70 16.76 18.51
C CYS A 115 -4.85 15.82 18.83
N CYS A 116 -4.77 14.59 18.33
CA CYS A 116 -5.87 13.66 18.54
C CYS A 116 -5.35 12.23 18.40
N ASN A 117 -6.09 11.30 19.01
CA ASN A 117 -5.83 9.87 18.93
C ASN A 117 -7.07 9.07 19.33
N PHE A 118 -7.26 7.92 18.68
CA PHE A 118 -8.19 6.89 19.13
C PHE A 118 -7.56 6.06 20.24
N ASN A 119 -8.40 5.51 21.11
CA ASN A 119 -7.90 4.46 21.98
C ASN A 119 -7.86 3.13 21.23
N PRO A 120 -7.14 2.14 21.74
CA PRO A 120 -7.07 0.84 21.05
C PRO A 120 -8.43 0.22 20.78
N GLN A 121 -9.36 0.28 21.75
CA GLN A 121 -10.71 -0.20 21.51
C GLN A 121 -11.38 0.58 20.38
N SER A 122 -10.98 1.84 20.21
CA SER A 122 -11.51 2.76 19.20
C SER A 122 -12.97 3.12 19.45
N ASN A 123 -13.42 3.06 20.70
CA ASN A 123 -14.67 3.68 21.11
C ASN A 123 -14.48 5.08 21.69
N LEU A 124 -13.23 5.49 21.92
CA LEU A 124 -12.93 6.82 22.45
C LEU A 124 -11.94 7.53 21.55
N ILE A 125 -12.06 8.85 21.54
CA ILE A 125 -11.04 9.73 20.96
C ILE A 125 -10.58 10.69 22.05
N VAL A 126 -9.26 10.93 22.10
CA VAL A 126 -8.70 11.93 22.99
C VAL A 126 -8.17 13.08 22.14
N SER A 127 -8.35 14.30 22.63
CA SER A 127 -7.94 15.49 21.88
C SER A 127 -7.29 16.50 22.82
N GLY A 128 -6.36 17.27 22.28
CA GLY A 128 -5.78 18.38 23.00
C GLY A 128 -5.87 19.66 22.19
N SER A 129 -5.99 20.78 22.89
CA SER A 129 -6.31 22.03 22.20
C SER A 129 -5.49 23.18 22.76
N PHE A 130 -5.42 24.25 21.98
CA PHE A 130 -4.93 25.53 22.50
C PHE A 130 -5.77 26.03 23.67
N ASP A 131 -7.00 25.53 23.83
CA ASP A 131 -7.80 25.97 24.96
C ASP A 131 -7.33 25.37 26.28
N GLU A 132 -6.22 24.63 26.27
CA GLU A 132 -5.48 24.13 27.46
C GLU A 132 -6.15 22.88 28.05
N SER A 133 -7.17 22.35 27.39
CA SER A 133 -7.93 21.22 27.88
C SER A 133 -7.59 19.96 27.09
N VAL A 134 -7.84 18.81 27.72
CA VAL A 134 -7.86 17.53 27.03
C VAL A 134 -9.29 17.02 27.06
N ARG A 135 -9.83 16.66 25.90
CA ARG A 135 -11.20 16.15 25.86
C ARG A 135 -11.23 14.68 25.47
N ILE A 136 -12.12 13.95 26.11
CA ILE A 136 -12.38 12.55 25.79
C ILE A 136 -13.80 12.46 25.24
N TRP A 137 -13.91 11.90 24.02
CA TRP A 137 -15.12 11.87 23.23
C TRP A 137 -15.55 10.43 22.95
N ASP A 138 -16.87 10.22 22.93
CA ASP A 138 -17.48 8.97 22.48
C ASP A 138 -17.55 8.94 20.96
N VAL A 139 -16.95 7.90 20.36
CA VAL A 139 -16.90 7.81 18.90
C VAL A 139 -18.29 7.59 18.31
N LYS A 140 -19.10 6.73 18.93
CA LYS A 140 -20.41 6.40 18.37
C LYS A 140 -21.34 7.61 18.37
N THR A 141 -21.45 8.30 19.49
CA THR A 141 -22.36 9.43 19.58
C THR A 141 -21.72 10.76 19.19
N GLY A 142 -20.40 10.85 19.24
CA GLY A 142 -19.75 12.12 18.97
C GLY A 142 -19.86 13.11 20.09
N LYS A 143 -20.21 12.67 21.30
CA LYS A 143 -20.44 13.56 22.42
C LYS A 143 -19.21 13.59 23.31
N CYS A 144 -18.91 14.77 23.86
CA CYS A 144 -17.78 14.90 24.76
C CYS A 144 -18.11 14.24 26.09
N LEU A 145 -17.36 13.18 26.41
CA LEU A 145 -17.57 12.50 27.68
C LEU A 145 -16.91 13.26 28.83
N LYS A 146 -15.70 13.76 28.65
CA LYS A 146 -15.01 14.43 29.75
C LYS A 146 -14.14 15.57 29.22
N THR A 147 -14.06 16.65 30.00
CA THR A 147 -13.13 17.75 29.75
C THR A 147 -12.15 17.83 30.91
N LEU A 148 -10.91 17.43 30.66
CA LEU A 148 -9.85 17.48 31.65
C LEU A 148 -9.18 18.85 31.61
N PRO A 149 -9.14 19.58 32.72
CA PRO A 149 -8.36 20.83 32.78
C PRO A 149 -6.87 20.50 32.91
N ALA A 150 -6.32 20.02 31.80
CA ALA A 150 -5.07 19.25 31.84
C ALA A 150 -3.84 20.12 32.07
N HIS A 151 -3.83 21.33 31.50
CA HIS A 151 -2.59 22.10 31.42
C HIS A 151 -2.92 23.58 31.54
N SER A 152 -1.87 24.38 31.71
CA SER A 152 -2.00 25.83 31.83
C SER A 152 -1.55 26.56 30.58
N ASP A 153 -1.39 25.83 29.49
CA ASP A 153 -0.92 26.37 28.21
C ASP A 153 -1.33 25.37 27.13
N PRO A 154 -1.12 25.70 25.84
CA PRO A 154 -1.60 24.81 24.78
C PRO A 154 -1.08 23.39 24.92
N VAL A 155 -1.94 22.43 24.60
CA VAL A 155 -1.64 21.00 24.69
C VAL A 155 -1.10 20.51 23.35
N SER A 156 0.14 20.00 23.36
CA SER A 156 0.82 19.63 22.13
C SER A 156 0.55 18.20 21.67
N ALA A 157 0.24 17.28 22.59
CA ALA A 157 0.09 15.89 22.21
C ALA A 157 -0.79 15.16 23.21
N VAL A 158 -1.53 14.15 22.72
CA VAL A 158 -2.34 13.26 23.56
C VAL A 158 -2.22 11.86 22.98
N HIS A 159 -2.03 10.86 23.84
CA HIS A 159 -1.82 9.50 23.37
C HIS A 159 -2.31 8.50 24.41
N PHE A 160 -3.00 7.46 23.93
CA PHE A 160 -3.43 6.34 24.76
C PHE A 160 -2.33 5.29 24.84
N ASN A 161 -2.30 4.57 25.95
CA ASN A 161 -1.41 3.42 26.10
C ASN A 161 -2.04 2.18 25.44
N ARG A 162 -1.33 1.05 25.55
CA ARG A 162 -1.66 -0.13 24.76
C ARG A 162 -3.07 -0.64 25.00
N ASP A 163 -3.57 -0.54 26.22
CA ASP A 163 -4.93 -1.01 26.50
C ASP A 163 -5.93 0.12 26.69
N GLY A 164 -5.52 1.36 26.48
CA GLY A 164 -6.43 2.48 26.58
C GLY A 164 -6.76 2.91 27.99
N SER A 165 -6.13 2.29 29.00
CA SER A 165 -6.41 2.65 30.38
C SER A 165 -5.75 3.96 30.81
N LEU A 166 -4.71 4.41 30.09
CA LEU A 166 -4.02 5.65 30.44
C LEU A 166 -3.93 6.55 29.22
N ILE A 167 -3.90 7.86 29.49
CA ILE A 167 -3.63 8.90 28.50
C ILE A 167 -2.41 9.69 28.97
N VAL A 168 -1.49 9.97 28.06
CA VAL A 168 -0.40 10.89 28.34
C VAL A 168 -0.64 12.17 27.56
N SER A 169 -0.47 13.33 28.21
CA SER A 169 -0.59 14.63 27.57
C SER A 169 0.67 15.43 27.82
N SER A 170 0.94 16.36 26.91
CA SER A 170 2.08 17.27 27.02
C SER A 170 1.63 18.67 26.66
N SER A 171 2.37 19.67 27.13
CA SER A 171 1.95 21.04 26.88
C SER A 171 3.13 21.99 26.86
N TYR A 172 2.90 23.17 26.25
CA TYR A 172 3.85 24.27 26.34
C TYR A 172 4.13 24.66 27.78
N ASP A 173 3.21 24.37 28.71
CA ASP A 173 3.42 24.67 30.12
C ASP A 173 4.58 23.88 30.71
N GLY A 174 5.15 22.93 29.98
CA GLY A 174 6.32 22.21 30.41
C GLY A 174 6.08 20.87 31.08
N LEU A 175 4.83 20.41 31.16
CA LEU A 175 4.50 19.20 31.89
C LEU A 175 4.09 18.08 30.96
N CYS A 176 4.42 16.85 31.36
CA CYS A 176 3.76 15.64 30.87
C CYS A 176 2.89 15.10 31.99
N ARG A 177 1.66 14.73 31.67
CA ARG A 177 0.76 14.21 32.67
C ARG A 177 0.19 12.88 32.20
N ILE A 178 0.11 11.93 33.13
CA ILE A 178 -0.51 10.63 32.93
C ILE A 178 -1.84 10.66 33.65
N TRP A 179 -2.90 10.34 32.88
CA TRP A 179 -4.30 10.38 33.29
C TRP A 179 -4.92 8.99 33.23
N ASP A 180 -5.68 8.66 34.27
CA ASP A 180 -6.56 7.50 34.25
C ASP A 180 -7.77 7.78 33.37
N THR A 181 -7.92 7.01 32.29
CA THR A 181 -8.97 7.27 31.31
C THR A 181 -10.37 7.19 31.93
N ALA A 182 -10.61 6.17 32.75
CA ALA A 182 -11.97 5.94 33.24
C ALA A 182 -12.39 7.03 34.22
N SER A 183 -11.51 7.42 35.14
CA SER A 183 -11.86 8.41 36.15
C SER A 183 -11.52 9.83 35.73
N GLY A 184 -10.57 10.00 34.81
CA GLY A 184 -10.13 11.33 34.45
C GLY A 184 -9.15 11.97 35.41
N GLN A 185 -8.68 11.24 36.41
CA GLN A 185 -7.79 11.81 37.40
C GLN A 185 -6.34 11.74 36.94
N CYS A 186 -5.57 12.77 37.29
CA CYS A 186 -4.15 12.79 37.00
C CYS A 186 -3.43 11.84 37.95
N LEU A 187 -2.73 10.85 37.39
CA LEU A 187 -1.99 9.90 38.21
C LEU A 187 -0.53 10.25 38.32
N LYS A 188 0.02 11.03 37.37
CA LYS A 188 1.45 11.32 37.46
C LYS A 188 1.76 12.57 36.67
N THR A 189 2.58 13.45 37.24
CA THR A 189 3.06 14.63 36.54
C THR A 189 4.58 14.56 36.49
N LEU A 190 5.14 14.50 35.28
CA LEU A 190 6.58 14.55 35.10
C LEU A 190 6.97 16.02 35.03
N ILE A 191 7.20 16.60 36.19
CA ILE A 191 7.55 17.99 36.32
C ILE A 191 9.05 17.99 36.59
N ASP A 192 9.84 18.17 35.53
CA ASP A 192 11.27 18.31 35.68
C ASP A 192 11.80 19.40 34.74
N PRO A 196 11.37 23.48 29.98
CA PRO A 196 11.12 23.86 28.58
C PRO A 196 9.76 23.40 28.09
N PRO A 197 9.18 24.07 27.10
CA PRO A 197 7.92 23.60 26.52
C PRO A 197 8.06 22.17 26.02
N VAL A 198 7.05 21.35 26.31
CA VAL A 198 7.00 19.98 25.80
C VAL A 198 6.16 19.97 24.54
N SER A 199 6.78 19.58 23.43
CA SER A 199 6.17 19.70 22.12
C SER A 199 5.61 18.39 21.58
N PHE A 200 5.91 17.27 22.23
CA PHE A 200 5.40 15.98 21.80
C PHE A 200 5.60 14.98 22.91
N VAL A 201 4.68 14.01 22.98
CA VAL A 201 4.81 12.88 23.90
C VAL A 201 4.03 11.71 23.33
N LYS A 202 4.50 10.50 23.60
CA LYS A 202 3.71 9.30 23.32
C LYS A 202 4.25 8.15 24.16
N PHE A 203 3.37 7.18 24.40
CA PHE A 203 3.75 5.95 25.09
C PHE A 203 4.63 5.09 24.19
N SER A 204 5.54 4.34 24.81
CA SER A 204 6.25 3.28 24.11
C SER A 204 5.26 2.18 23.71
N PRO A 205 5.62 1.35 22.73
CA PRO A 205 4.70 0.27 22.32
C PRO A 205 4.26 -0.62 23.48
N ASN A 206 5.15 -0.92 24.43
CA ASN A 206 4.73 -1.72 25.58
C ASN A 206 4.02 -0.91 26.66
N GLY A 207 4.03 0.42 26.58
CA GLY A 207 3.33 1.24 27.55
C GLY A 207 4.10 1.55 28.82
N LYS A 208 5.34 1.04 28.95
CA LYS A 208 6.11 1.25 30.16
C LYS A 208 6.86 2.58 30.16
N TYR A 209 7.11 3.14 28.98
CA TYR A 209 7.91 4.35 28.85
C TYR A 209 7.14 5.42 28.10
N ILE A 210 7.58 6.66 28.23
CA ILE A 210 7.07 7.71 27.36
C ILE A 210 8.24 8.43 26.70
N LEU A 211 8.04 8.80 25.45
CA LEU A 211 8.99 9.55 24.65
C LEU A 211 8.48 10.99 24.58
N ALA A 212 9.26 11.91 25.10
CA ALA A 212 8.86 13.31 25.20
C ALA A 212 9.86 14.19 24.47
N ALA A 213 9.37 15.05 23.59
CA ALA A 213 10.19 16.06 22.94
C ALA A 213 10.00 17.39 23.67
N THR A 214 11.09 18.12 23.85
CA THR A 214 11.03 19.47 24.41
C THR A 214 11.68 20.45 23.44
N LEU A 215 11.29 21.72 23.51
CA LEU A 215 11.74 22.70 22.52
C LEU A 215 13.10 23.27 22.87
N ASP A 216 13.95 22.42 23.45
CA ASP A 216 15.37 22.67 23.68
C ASP A 216 16.19 21.63 22.91
N ASN A 217 15.69 21.23 21.74
CA ASN A 217 16.39 20.32 20.83
C ASN A 217 16.65 18.96 21.46
N THR A 218 15.69 18.46 22.24
CA THR A 218 15.95 17.26 23.04
C THR A 218 14.75 16.32 23.04
N LEU A 219 15.02 15.02 22.84
CA LEU A 219 14.06 13.97 23.08
C LEU A 219 14.51 13.15 24.29
N LYS A 220 13.55 12.72 25.10
CA LYS A 220 13.84 11.94 26.30
C LYS A 220 12.93 10.72 26.36
N LEU A 221 13.52 9.61 26.75
CA LEU A 221 12.79 8.40 27.11
C LEU A 221 12.74 8.31 28.63
N TRP A 222 11.51 8.28 29.16
CA TRP A 222 11.21 8.31 30.58
C TRP A 222 10.54 7.01 31.02
N ASP A 223 10.96 6.53 32.19
CA ASP A 223 10.18 5.61 33.01
C ASP A 223 9.25 6.48 33.85
N TYR A 224 7.98 6.59 33.43
CA TYR A 224 7.09 7.55 34.10
C TYR A 224 6.73 7.09 35.50
N SER A 225 6.55 5.79 35.70
CA SER A 225 6.28 5.27 37.04
C SER A 225 7.42 5.62 37.98
N LYS A 226 8.66 5.40 37.53
CA LYS A 226 9.83 5.73 38.31
C LYS A 226 10.14 7.22 38.30
N GLY A 227 9.60 7.96 37.34
CA GLY A 227 9.93 9.37 37.21
C GLY A 227 11.37 9.60 36.84
N LYS A 228 11.98 8.63 36.15
CA LYS A 228 13.40 8.67 35.81
C LYS A 228 13.56 8.77 34.30
N CYS A 229 14.42 9.67 33.87
CA CYS A 229 14.76 9.75 32.44
C CYS A 229 15.82 8.70 32.15
N LEU A 230 15.51 7.78 31.23
CA LEU A 230 16.40 6.68 30.92
C LEU A 230 17.31 6.97 29.75
N LYS A 231 16.82 7.74 28.77
CA LYS A 231 17.64 8.03 27.59
C LYS A 231 17.38 9.45 27.13
N THR A 232 18.40 10.07 26.54
CA THR A 232 18.24 11.36 25.89
C THR A 232 18.82 11.27 24.48
N TYR A 233 18.10 11.82 23.51
CA TYR A 233 18.49 11.85 22.11
C TYR A 233 18.60 13.30 21.66
N THR A 234 19.75 13.65 21.08
CA THR A 234 20.06 15.01 20.66
C THR A 234 20.79 14.95 19.33
N GLY A 235 21.15 16.12 18.81
CA GLY A 235 21.79 16.27 17.52
C GLY A 235 20.90 16.92 16.46
N HIS A 236 19.59 16.85 16.64
CA HIS A 236 18.63 17.46 15.74
C HIS A 236 18.28 18.87 16.22
N LYS A 237 17.48 19.58 15.44
CA LYS A 237 17.07 20.94 15.78
C LYS A 237 15.56 20.94 16.01
N ASN A 238 15.15 21.32 17.22
CA ASN A 238 13.74 21.37 17.57
C ASN A 238 13.58 22.46 18.63
N GLU A 239 13.23 23.66 18.16
CA GLU A 239 13.08 24.84 19.00
C GLU A 239 11.76 25.57 18.78
N LYS A 240 11.00 25.22 17.74
CA LYS A 240 9.88 26.02 17.29
C LYS A 240 8.58 25.24 17.10
N TYR A 241 8.66 24.01 16.62
CA TYR A 241 7.49 23.27 16.15
C TYR A 241 7.28 21.98 16.94
N CYS A 242 6.03 21.54 17.00
CA CYS A 242 5.68 20.28 17.65
C CYS A 242 5.89 19.17 16.63
N ILE A 243 7.11 18.64 16.61
CA ILE A 243 7.52 17.62 15.67
C ILE A 243 7.22 16.24 16.25
N PHE A 244 6.59 15.38 15.45
CA PHE A 244 6.30 14.02 15.87
C PHE A 244 7.59 13.22 16.03
N ALA A 245 7.57 12.27 16.97
CA ALA A 245 8.64 11.31 17.13
C ALA A 245 8.03 9.92 17.20
N ASN A 246 8.85 8.92 16.92
CA ASN A 246 8.36 7.55 16.76
C ASN A 246 9.34 6.55 17.34
N PHE A 247 8.78 5.42 17.78
CA PHE A 247 9.52 4.18 17.98
C PHE A 247 9.44 3.39 16.68
N SER A 248 10.58 3.02 16.13
CA SER A 248 10.63 2.12 14.98
C SER A 248 10.99 0.73 15.48
N VAL A 249 10.11 -0.26 15.22
CA VAL A 249 10.23 -1.57 15.85
C VAL A 249 10.24 -2.71 14.85
N THR A 250 10.01 -2.42 13.57
CA THR A 250 9.92 -3.50 12.58
C THR A 250 11.29 -4.13 12.29
N GLY A 251 12.36 -3.35 12.34
CA GLY A 251 13.70 -3.86 12.18
C GLY A 251 14.53 -3.60 13.42
N GLY A 252 15.62 -2.84 13.25
CA GLY A 252 16.32 -2.35 14.42
C GLY A 252 15.41 -1.47 15.27
N LYS A 253 15.74 -1.38 16.55
CA LYS A 253 14.93 -0.60 17.50
C LYS A 253 15.42 0.85 17.44
N TRP A 254 14.70 1.69 16.72
CA TRP A 254 15.15 3.06 16.52
C TRP A 254 14.20 4.07 17.16
N ILE A 255 14.73 5.26 17.39
CA ILE A 255 13.93 6.46 17.62
C ILE A 255 14.02 7.31 16.35
N VAL A 256 12.87 7.78 15.86
CA VAL A 256 12.81 8.54 14.62
C VAL A 256 12.16 9.89 14.89
N SER A 257 12.73 10.96 14.33
CA SER A 257 12.10 12.26 14.49
C SER A 257 12.41 13.16 13.30
N GLY A 258 11.48 14.07 13.01
CA GLY A 258 11.78 15.18 12.13
C GLY A 258 12.70 16.17 12.82
N SER A 259 13.10 17.20 12.06
CA SER A 259 14.01 18.22 12.58
C SER A 259 13.76 19.53 11.85
N GLU A 260 14.13 20.62 12.50
CA GLU A 260 14.01 21.95 11.90
C GLU A 260 15.17 22.29 10.97
N ASP A 261 16.18 21.42 10.85
CA ASP A 261 17.19 21.55 9.82
C ASP A 261 16.87 20.75 8.55
N ASN A 262 15.61 20.35 8.39
CA ASN A 262 15.06 19.73 7.17
C ASN A 262 15.46 18.27 7.01
N LEU A 263 15.97 17.61 8.05
CA LEU A 263 16.42 16.23 7.99
C LEU A 263 15.51 15.34 8.81
N VAL A 264 15.48 14.06 8.46
CA VAL A 264 14.91 13.05 9.35
C VAL A 264 16.06 12.43 10.14
N TYR A 265 15.92 12.40 11.47
CA TYR A 265 16.94 11.82 12.33
C TYR A 265 16.50 10.44 12.80
N ILE A 266 17.44 9.49 12.81
CA ILE A 266 17.24 8.16 13.33
C ILE A 266 18.38 7.84 14.30
N TRP A 267 18.00 7.52 15.54
CA TRP A 267 18.89 7.14 16.63
C TRP A 267 18.70 5.67 16.99
N ASN A 268 19.77 5.06 17.48
CA ASN A 268 19.68 3.78 18.19
C ASN A 268 19.05 4.03 19.55
N LEU A 269 17.94 3.33 19.85
CA LEU A 269 17.21 3.59 21.09
C LEU A 269 18.07 3.35 22.32
N GLN A 270 18.87 2.28 22.30
CA GLN A 270 19.65 1.92 23.48
C GLN A 270 20.93 2.74 23.61
N THR A 271 21.69 2.87 22.53
CA THR A 271 22.96 3.57 22.60
C THR A 271 22.82 5.09 22.46
N LYS A 272 21.71 5.57 21.91
CA LYS A 272 21.41 6.98 21.68
C LYS A 272 22.25 7.58 20.57
N GLU A 273 23.07 6.79 19.88
CA GLU A 273 23.84 7.29 18.75
C GLU A 273 22.93 7.57 17.56
N ILE A 274 23.23 8.64 16.82
CA ILE A 274 22.58 8.85 15.54
C ILE A 274 23.07 7.78 14.56
N VAL A 275 22.13 7.05 13.98
CA VAL A 275 22.48 6.03 13.01
C VAL A 275 22.12 6.43 11.58
N GLN A 276 21.25 7.42 11.38
CA GLN A 276 21.05 7.87 10.01
C GLN A 276 20.37 9.23 10.00
N LYS A 277 20.70 10.03 8.98
CA LYS A 277 20.03 11.29 8.69
C LYS A 277 19.53 11.22 7.26
N LEU A 278 18.23 11.42 7.08
CA LEU A 278 17.60 11.36 5.77
C LEU A 278 17.47 12.79 5.23
N GLN A 279 18.12 13.03 4.09
CA GLN A 279 18.18 14.33 3.44
C GLN A 279 17.30 14.32 2.20
N GLY A 280 16.72 15.48 1.90
CA GLY A 280 15.91 15.66 0.71
C GLY A 280 14.75 16.63 0.88
N HIS A 281 14.22 16.74 2.10
CA HIS A 281 13.19 17.75 2.35
C HIS A 281 13.79 19.15 2.32
N THR A 282 12.97 20.12 1.94
CA THR A 282 13.40 21.51 1.78
C THR A 282 12.76 22.45 2.80
N ASP A 283 12.14 21.92 3.85
CA ASP A 283 11.63 22.71 4.95
C ASP A 283 11.60 21.82 6.18
N VAL A 284 11.21 22.41 7.32
CA VAL A 284 11.10 21.65 8.56
C VAL A 284 10.33 20.36 8.35
N VAL A 285 10.93 19.26 8.79
CA VAL A 285 10.23 17.98 8.74
C VAL A 285 9.35 17.95 9.99
N ILE A 286 8.07 18.29 9.82
CA ILE A 286 7.13 18.41 10.93
C ILE A 286 6.68 17.05 11.39
N SER A 287 6.70 16.04 10.51
CA SER A 287 6.07 14.79 10.90
C SER A 287 6.79 13.61 10.29
N THR A 288 6.92 12.54 11.08
CA THR A 288 7.38 11.24 10.61
C THR A 288 6.45 10.16 11.16
N ALA A 289 6.42 9.03 10.46
CA ALA A 289 5.64 7.88 10.88
C ALA A 289 6.37 6.62 10.44
N CYS A 290 6.23 5.56 11.23
CA CYS A 290 6.86 4.27 10.95
C CYS A 290 5.80 3.24 10.61
N HIS A 291 5.99 2.54 9.49
CA HIS A 291 5.05 1.52 9.05
C HIS A 291 4.98 0.39 10.07
N PRO A 292 3.79 -0.19 10.30
CA PRO A 292 3.65 -1.21 11.36
C PRO A 292 4.29 -2.56 11.04
N THR A 293 4.55 -2.89 9.79
CA THR A 293 5.13 -4.21 9.51
C THR A 293 6.38 -4.15 8.64
N GLU A 294 6.52 -3.16 7.77
CA GLU A 294 7.68 -3.03 6.91
C GLU A 294 8.57 -1.92 7.43
N ASN A 295 9.87 -1.99 7.10
CA ASN A 295 10.82 -0.93 7.47
C ASN A 295 10.66 0.25 6.51
N ILE A 296 9.56 0.98 6.72
CA ILE A 296 9.20 2.13 5.89
C ILE A 296 8.94 3.31 6.80
N ILE A 297 9.51 4.46 6.45
CA ILE A 297 9.26 5.73 7.14
C ILE A 297 8.56 6.67 6.17
N ALA A 298 7.54 7.36 6.66
CA ALA A 298 6.96 8.50 5.97
C ALA A 298 7.40 9.77 6.68
N SER A 299 7.75 10.80 5.92
CA SER A 299 8.14 12.09 6.45
C SER A 299 7.40 13.17 5.69
N ALA A 300 7.16 14.30 6.37
CA ALA A 300 6.44 15.40 5.74
C ALA A 300 6.91 16.72 6.33
N ALA A 301 6.79 17.77 5.50
CA ALA A 301 7.48 19.03 5.70
C ALA A 301 6.55 20.23 5.49
N LEU A 302 7.04 21.40 5.92
CA LEU A 302 6.27 22.64 5.98
C LEU A 302 6.23 23.41 4.66
N GLU A 303 5.87 24.70 4.75
CA GLU A 303 5.41 25.51 3.61
C GLU A 303 6.37 25.49 2.42
N ASN A 304 7.68 25.52 2.65
CA ASN A 304 8.59 25.59 1.51
C ASN A 304 8.66 24.29 0.74
N ASP A 305 8.16 23.20 1.32
CA ASP A 305 8.31 21.87 0.77
C ASP A 305 6.96 21.26 0.39
N LYS A 306 6.06 21.09 1.36
CA LYS A 306 4.68 20.66 1.15
C LYS A 306 4.57 19.22 0.67
N THR A 307 5.67 18.46 0.69
CA THR A 307 5.63 17.09 0.19
C THR A 307 5.78 16.08 1.32
N ILE A 308 5.40 14.85 0.98
CA ILE A 308 5.59 13.66 1.81
C ILE A 308 6.60 12.78 1.11
N LYS A 309 7.52 12.20 1.86
CA LYS A 309 8.48 11.25 1.30
C LYS A 309 8.37 9.91 2.02
N LEU A 310 8.42 8.84 1.24
CA LEU A 310 8.44 7.47 1.76
C LEU A 310 9.84 6.92 1.57
N TRP A 311 10.38 6.30 2.62
CA TRP A 311 11.74 5.79 2.67
C TRP A 311 11.69 4.33 3.08
N LYS A 312 12.57 3.51 2.52
CA LYS A 312 12.58 2.10 2.92
C LYS A 312 14.00 1.63 3.22
N SER A 313 14.11 0.73 4.19
CA SER A 313 15.39 0.20 4.64
C SER A 313 15.32 -1.31 4.70
N ASP A 314 16.49 -1.95 4.64
CA ASP A 314 16.55 -3.40 4.76
C ASP A 314 16.47 -3.87 6.21
N CYS A 315 16.77 -2.99 7.16
CA CYS A 315 16.69 -3.33 8.57
C CYS A 315 16.19 -2.14 9.36
N GLY B 1 -3.65 28.57 7.43
CA GLY B 1 -2.67 27.71 8.07
C GLY B 1 -3.26 26.73 9.07
N ALA B 2 -2.39 26.10 9.85
CA ALA B 2 -2.74 25.20 10.93
C ALA B 2 -1.77 25.42 12.08
N ALA B 3 -2.27 25.28 13.31
CA ALA B 3 -1.45 25.62 14.47
C ALA B 3 -0.15 24.81 14.51
N ARG B 4 -0.19 23.52 14.14
CA ARG B 4 1.05 22.74 14.14
C ARG B 4 2.06 23.28 13.14
N CYS B 5 1.59 23.91 12.06
CA CYS B 5 2.48 24.45 11.04
C CYS B 5 2.97 25.86 11.36
N ARG B 6 2.61 26.39 12.52
CA ARG B 6 3.09 27.67 13.03
C ARG B 6 3.93 27.42 14.27
N VAL B 7 4.73 28.43 14.65
CA VAL B 7 5.53 28.32 15.87
C VAL B 7 4.61 28.11 17.06
N PHE B 8 4.98 27.15 17.92
CA PHE B 8 4.21 26.75 19.11
C PHE B 8 4.45 27.65 20.31
N SER B 9 3.49 28.53 20.61
CA SER B 9 3.42 29.23 21.89
C SER B 9 1.98 29.70 22.11
N PRO B 10 1.59 30.01 23.37
CA PRO B 10 0.24 30.52 23.63
C PRO B 10 -0.17 31.68 22.73
N VAL C 12 -21.66 5.48 -22.82
CA VAL C 12 -20.24 5.68 -23.02
C VAL C 12 -19.57 4.40 -23.53
N LYS C 13 -18.68 4.55 -24.51
CA LYS C 13 -17.89 3.44 -25.04
C LYS C 13 -16.49 3.94 -25.30
N PRO C 14 -15.48 3.07 -25.15
CA PRO C 14 -14.10 3.50 -25.39
C PRO C 14 -13.79 3.61 -26.88
N ASN C 15 -12.65 4.22 -27.16
CA ASN C 15 -12.17 4.45 -28.52
C ASN C 15 -10.69 4.15 -28.62
N TYR C 16 -10.26 3.01 -28.07
CA TYR C 16 -8.87 2.59 -28.15
C TYR C 16 -8.41 2.55 -29.60
N ALA C 17 -7.25 3.14 -29.85
CA ALA C 17 -6.64 3.18 -31.17
C ALA C 17 -5.19 2.77 -31.04
N LEU C 18 -4.70 2.02 -32.02
CA LEU C 18 -3.33 1.54 -31.98
C LEU C 18 -2.36 2.71 -32.05
N LYS C 19 -1.34 2.68 -31.20
CA LYS C 19 -0.34 3.73 -31.14
C LYS C 19 1.06 3.25 -31.48
N PHE C 20 1.47 2.11 -30.95
CA PHE C 20 2.79 1.56 -31.18
C PHE C 20 2.72 0.05 -31.28
N THR C 21 3.60 -0.49 -32.11
CA THR C 21 3.84 -1.93 -32.17
C THR C 21 5.28 -2.20 -31.77
N LEU C 22 5.46 -3.04 -30.76
CA LEU C 22 6.77 -3.32 -30.18
C LEU C 22 7.24 -4.68 -30.66
N ALA C 23 8.24 -4.69 -31.53
CA ALA C 23 8.84 -5.91 -32.06
C ALA C 23 10.21 -6.14 -31.42
N GLY C 24 10.63 -7.40 -31.40
CA GLY C 24 11.93 -7.76 -30.87
C GLY C 24 12.02 -9.11 -30.19
N HIS C 25 10.93 -9.61 -29.63
CA HIS C 25 10.91 -11.00 -29.18
C HIS C 25 10.97 -11.93 -30.39
N THR C 26 11.74 -13.01 -30.28
CA THR C 26 11.93 -13.93 -31.40
C THR C 26 11.08 -15.19 -31.28
N LYS C 27 10.26 -15.30 -30.24
CA LYS C 27 9.24 -16.33 -30.13
C LYS C 27 7.99 -15.70 -29.53
N ALA C 28 6.94 -16.51 -29.40
CA ALA C 28 5.68 -16.05 -28.82
C ALA C 28 5.91 -15.25 -27.53
N VAL C 29 5.18 -14.16 -27.41
CA VAL C 29 5.13 -13.43 -26.14
C VAL C 29 4.16 -14.17 -25.22
N SER C 30 4.45 -14.20 -23.92
CA SER C 30 3.60 -14.87 -22.95
C SER C 30 2.84 -13.93 -22.04
N SER C 31 3.44 -12.80 -21.64
CA SER C 31 2.71 -11.90 -20.76
C SER C 31 3.33 -10.51 -20.82
N VAL C 32 2.47 -9.50 -20.66
CA VAL C 32 2.91 -8.11 -20.54
C VAL C 32 2.30 -7.53 -19.27
N LYS C 33 3.07 -6.70 -18.56
CA LYS C 33 2.65 -6.07 -17.32
C LYS C 33 3.18 -4.64 -17.26
N PHE C 34 2.33 -3.69 -16.91
CA PHE C 34 2.79 -2.33 -16.62
C PHE C 34 3.35 -2.25 -15.20
N SER C 35 4.43 -1.50 -15.05
CA SER C 35 4.95 -1.24 -13.70
C SER C 35 3.92 -0.45 -12.91
N PRO C 36 3.84 -0.65 -11.59
CA PRO C 36 2.91 0.15 -10.78
C PRO C 36 3.10 1.65 -10.93
N ASN C 37 4.32 2.12 -11.15
CA ASN C 37 4.55 3.56 -11.31
C ASN C 37 4.24 4.06 -12.72
N GLY C 38 3.82 3.17 -13.62
CA GLY C 38 3.30 3.56 -14.92
C GLY C 38 4.32 3.86 -15.99
N GLU C 39 5.61 3.82 -15.67
CA GLU C 39 6.66 4.24 -16.61
C GLU C 39 7.00 3.15 -17.63
N TRP C 40 6.85 1.89 -17.26
CA TRP C 40 7.43 0.79 -18.03
C TRP C 40 6.37 -0.27 -18.33
N LEU C 41 6.60 -0.95 -19.45
CA LEU C 41 5.95 -2.21 -19.75
C LEU C 41 7.01 -3.30 -19.73
N ALA C 42 6.75 -4.38 -19.00
CA ALA C 42 7.59 -5.56 -19.05
C ALA C 42 6.91 -6.62 -19.89
N SER C 43 7.70 -7.34 -20.67
CA SER C 43 7.19 -8.44 -21.48
C SER C 43 8.03 -9.68 -21.25
N SER C 44 7.37 -10.84 -21.16
CA SER C 44 8.05 -12.13 -21.09
C SER C 44 7.72 -12.92 -22.35
N SER C 45 8.59 -13.87 -22.68
CA SER C 45 8.45 -14.58 -23.94
C SER C 45 8.95 -16.01 -23.82
N ALA C 46 8.42 -16.87 -24.69
CA ALA C 46 8.97 -18.19 -24.89
C ALA C 46 10.42 -18.14 -25.36
N ASP C 47 10.88 -16.99 -25.86
CA ASP C 47 12.25 -16.84 -26.31
C ASP C 47 13.26 -16.71 -25.16
N LYS C 48 12.81 -16.93 -23.91
CA LYS C 48 13.62 -16.97 -22.69
C LYS C 48 13.93 -15.57 -22.14
N LEU C 49 13.40 -14.50 -22.72
CA LEU C 49 13.83 -13.16 -22.37
C LEU C 49 12.70 -12.36 -21.72
N ILE C 50 13.10 -11.39 -20.91
CA ILE C 50 12.24 -10.31 -20.44
C ILE C 50 12.69 -9.04 -21.15
N LYS C 51 11.74 -8.27 -21.66
CA LYS C 51 12.10 -7.01 -22.28
C LYS C 51 11.34 -5.88 -21.58
N ILE C 52 12.02 -4.75 -21.40
CA ILE C 52 11.46 -3.56 -20.79
C ILE C 52 11.31 -2.49 -21.86
N TRP C 53 10.13 -1.88 -21.91
CA TRP C 53 9.72 -0.89 -22.90
C TRP C 53 9.14 0.32 -22.18
N GLY C 54 9.23 1.48 -22.85
CA GLY C 54 8.58 2.67 -22.32
C GLY C 54 7.07 2.57 -22.45
N ALA C 55 6.37 2.85 -21.35
CA ALA C 55 4.92 2.64 -21.35
C ALA C 55 4.20 3.65 -22.23
N TYR C 56 4.76 4.85 -22.41
CA TYR C 56 4.10 5.91 -23.15
C TYR C 56 4.58 6.04 -24.58
N ASP C 57 5.86 5.74 -24.84
CA ASP C 57 6.42 5.89 -26.19
C ASP C 57 6.72 4.55 -26.85
N GLY C 58 6.55 3.42 -26.14
CA GLY C 58 6.83 2.14 -26.73
C GLY C 58 8.29 1.87 -26.99
N LYS C 59 9.17 2.80 -26.63
CA LYS C 59 10.57 2.70 -26.99
C LYS C 59 11.23 1.56 -26.23
N PHE C 60 11.95 0.71 -26.94
CA PHE C 60 12.68 -0.37 -26.30
C PHE C 60 13.67 0.18 -25.28
N GLU C 61 13.66 -0.41 -24.08
CA GLU C 61 14.53 0.03 -23.00
C GLU C 61 15.64 -0.96 -22.69
N LYS C 62 15.32 -2.24 -22.44
CA LYS C 62 16.41 -3.18 -22.16
C LYS C 62 15.93 -4.62 -22.28
N THR C 63 16.90 -5.53 -22.33
CA THR C 63 16.65 -6.98 -22.30
C THR C 63 17.27 -7.59 -21.04
N ILE C 64 16.48 -8.44 -20.37
CA ILE C 64 16.89 -9.15 -19.17
C ILE C 64 16.86 -10.65 -19.47
N SER C 65 17.97 -11.33 -19.16
CA SER C 65 18.14 -12.72 -19.58
C SER C 65 18.73 -13.54 -18.44
N GLY C 66 18.64 -14.86 -18.59
CA GLY C 66 19.16 -15.79 -17.61
C GLY C 66 18.39 -17.09 -17.44
N HIS C 67 17.09 -17.09 -17.72
CA HIS C 67 16.32 -18.32 -17.70
C HIS C 67 16.78 -19.26 -18.81
N LYS C 68 16.81 -20.56 -18.51
CA LYS C 68 17.29 -21.57 -19.46
C LYS C 68 16.22 -22.03 -20.43
N LEU C 69 14.94 -21.87 -20.08
CA LEU C 69 13.82 -22.15 -20.97
C LEU C 69 12.91 -20.92 -20.99
N GLY C 70 11.84 -21.00 -21.77
CA GLY C 70 10.96 -19.86 -21.94
C GLY C 70 10.26 -19.47 -20.65
N ILE C 71 9.67 -18.27 -20.70
CA ILE C 71 9.02 -17.64 -19.56
C ILE C 71 7.53 -17.54 -19.86
N SER C 72 6.70 -17.94 -18.89
CA SER C 72 5.26 -17.88 -19.02
C SER C 72 4.62 -16.68 -18.34
N ASP C 73 5.33 -16.00 -17.44
CA ASP C 73 4.73 -14.90 -16.69
C ASP C 73 5.82 -14.06 -16.06
N VAL C 74 5.47 -12.79 -15.80
CA VAL C 74 6.35 -11.86 -15.11
C VAL C 74 5.46 -10.94 -14.30
N ALA C 75 5.98 -10.46 -13.16
CA ALA C 75 5.23 -9.54 -12.30
C ALA C 75 6.17 -8.52 -11.66
N TRP C 76 5.62 -7.35 -11.36
CA TRP C 76 6.35 -6.24 -10.75
C TRP C 76 6.15 -6.18 -9.24
N SER C 77 7.20 -5.79 -8.52
CA SER C 77 7.01 -5.38 -7.13
C SER C 77 6.31 -4.02 -7.08
N SER C 78 5.72 -3.72 -5.92
CA SER C 78 4.90 -2.51 -5.79
CA SER C 78 4.91 -2.51 -5.78
C SER C 78 5.71 -1.24 -5.98
N ASP C 79 7.00 -1.25 -5.63
CA ASP C 79 7.84 -0.07 -5.82
C ASP C 79 8.45 0.00 -7.22
N SER C 80 8.08 -0.91 -8.11
CA SER C 80 8.51 -0.99 -9.50
C SER C 80 9.99 -1.30 -9.67
N ASN C 81 10.68 -1.70 -8.61
CA ASN C 81 12.13 -1.93 -8.71
C ASN C 81 12.49 -3.38 -8.98
N LEU C 82 11.62 -4.32 -8.63
CA LEU C 82 11.88 -5.74 -8.79
C LEU C 82 10.92 -6.33 -9.81
N LEU C 83 11.36 -7.40 -10.46
CA LEU C 83 10.50 -8.23 -11.28
C LEU C 83 10.64 -9.65 -10.77
N VAL C 84 9.59 -10.45 -10.93
CA VAL C 84 9.67 -11.89 -10.74
C VAL C 84 9.20 -12.55 -12.02
N SER C 85 9.91 -13.60 -12.44
CA SER C 85 9.57 -14.32 -13.66
C SER C 85 9.42 -15.80 -13.36
N ALA C 86 8.52 -16.46 -14.12
CA ALA C 86 8.20 -17.87 -13.99
C ALA C 86 8.51 -18.59 -15.30
N SER C 87 9.31 -19.67 -15.24
CA SER C 87 9.88 -20.27 -16.43
C SER C 87 9.62 -21.77 -16.50
N ASP C 88 9.66 -22.29 -17.73
CA ASP C 88 9.64 -23.73 -17.98
C ASP C 88 10.86 -24.42 -17.39
N ASP C 89 11.91 -23.67 -17.06
CA ASP C 89 13.08 -24.24 -16.40
C ASP C 89 12.84 -24.56 -14.91
N LYS C 90 11.60 -24.48 -14.43
CA LYS C 90 11.15 -24.92 -13.11
C LYS C 90 11.50 -23.94 -11.99
N THR C 91 12.08 -22.79 -12.30
CA THR C 91 12.42 -21.81 -11.28
C THR C 91 11.63 -20.54 -11.48
N LEU C 92 11.61 -19.71 -10.46
CA LEU C 92 11.33 -18.29 -10.65
C LEU C 92 12.61 -17.51 -10.45
N LYS C 93 12.70 -16.35 -11.08
CA LYS C 93 13.84 -15.48 -10.82
C LYS C 93 13.38 -14.10 -10.42
N ILE C 94 14.04 -13.52 -9.42
CA ILE C 94 13.82 -12.15 -8.99
C ILE C 94 14.90 -11.28 -9.60
N TRP C 95 14.49 -10.23 -10.30
CA TRP C 95 15.38 -9.35 -11.04
C TRP C 95 15.35 -7.94 -10.47
N ASP C 96 16.54 -7.33 -10.43
CA ASP C 96 16.66 -5.89 -10.25
C ASP C 96 16.49 -5.23 -11.62
N VAL C 97 15.43 -4.44 -11.77
CA VAL C 97 15.08 -3.89 -13.07
C VAL C 97 16.15 -2.92 -13.56
N SER C 98 16.68 -2.07 -12.66
CA SER C 98 17.62 -1.04 -13.08
C SER C 98 18.92 -1.64 -13.61
N SER C 99 19.42 -2.70 -12.97
CA SER C 99 20.66 -3.33 -13.42
C SER C 99 20.40 -4.48 -14.39
N GLY C 100 19.29 -5.19 -14.24
CA GLY C 100 19.06 -6.39 -15.01
C GLY C 100 19.60 -7.65 -14.37
N LYS C 101 20.13 -7.56 -13.16
CA LYS C 101 20.79 -8.69 -12.51
C LYS C 101 19.75 -9.58 -11.83
N CYS C 102 19.99 -10.89 -11.88
CA CYS C 102 19.19 -11.84 -11.12
C CYS C 102 19.60 -11.80 -9.65
N LEU C 103 18.65 -11.48 -8.78
CA LEU C 103 18.92 -11.38 -7.34
C LEU C 103 18.75 -12.72 -6.63
N LYS C 104 17.67 -13.42 -6.94
CA LYS C 104 17.39 -14.74 -6.37
C LYS C 104 16.87 -15.65 -7.46
N THR C 105 17.18 -16.93 -7.31
CA THR C 105 16.57 -17.98 -8.11
C THR C 105 15.77 -18.85 -7.15
N LEU C 106 14.45 -18.88 -7.34
CA LEU C 106 13.53 -19.61 -6.47
C LEU C 106 13.34 -21.01 -7.05
N LYS C 107 13.81 -22.00 -6.30
CA LYS C 107 13.86 -23.39 -6.69
C LYS C 107 12.95 -24.20 -5.78
N GLY C 108 12.29 -25.20 -6.34
CA GLY C 108 11.39 -26.04 -5.57
C GLY C 108 10.21 -26.57 -6.35
N HIS C 109 9.78 -25.87 -7.39
CA HIS C 109 8.79 -26.45 -8.28
C HIS C 109 9.43 -27.58 -9.10
N SER C 110 8.68 -28.66 -9.31
CA SER C 110 9.19 -29.83 -10.02
C SER C 110 8.73 -29.86 -11.47
N ASN C 111 8.07 -28.81 -11.95
CA ASN C 111 7.62 -28.72 -13.32
C ASN C 111 7.53 -27.24 -13.68
N TYR C 112 7.04 -26.97 -14.88
CA TYR C 112 6.95 -25.60 -15.38
C TYR C 112 6.31 -24.68 -14.36
N VAL C 113 6.93 -23.53 -14.13
CA VAL C 113 6.28 -22.45 -13.38
C VAL C 113 5.49 -21.61 -14.37
N PHE C 114 4.18 -21.49 -14.11
CA PHE C 114 3.22 -20.94 -15.05
C PHE C 114 2.86 -19.48 -14.76
N CYS C 115 2.79 -19.09 -13.49
CA CYS C 115 2.21 -17.82 -13.08
C CYS C 115 2.86 -17.35 -11.79
N CYS C 116 2.90 -16.03 -11.60
CA CYS C 116 3.54 -15.46 -10.42
C CYS C 116 2.99 -14.07 -10.14
N ASN C 117 3.15 -13.64 -8.88
CA ASN C 117 2.76 -12.31 -8.45
C ASN C 117 3.42 -11.97 -7.13
N PHE C 118 3.74 -10.68 -6.94
CA PHE C 118 4.06 -10.14 -5.63
C PHE C 118 2.78 -9.82 -4.86
N ASN C 119 2.88 -9.85 -3.55
CA ASN C 119 1.83 -9.24 -2.75
C ASN C 119 2.07 -7.74 -2.70
N PRO C 120 1.07 -6.95 -2.32
CA PRO C 120 1.28 -5.50 -2.27
C PRO C 120 2.47 -5.08 -1.41
N GLN C 121 2.64 -5.70 -0.24
CA GLN C 121 3.80 -5.40 0.60
C GLN C 121 5.09 -5.71 -0.14
N SER C 122 5.03 -6.68 -1.06
CA SER C 122 6.15 -7.15 -1.87
C SER C 122 7.24 -7.81 -1.02
N ASN C 123 6.86 -8.33 0.14
CA ASN C 123 7.73 -9.23 0.89
C ASN C 123 7.49 -10.68 0.53
N LEU C 124 6.42 -10.97 -0.22
CA LEU C 124 6.07 -12.33 -0.62
C LEU C 124 5.89 -12.39 -2.13
N ILE C 125 6.16 -13.58 -2.68
CA ILE C 125 5.80 -13.94 -4.04
C ILE C 125 4.94 -15.19 -4.00
N VAL C 126 3.89 -15.24 -4.82
CA VAL C 126 3.09 -16.45 -4.98
C VAL C 126 3.32 -16.98 -6.39
N SER C 127 3.39 -18.31 -6.52
CA SER C 127 3.63 -18.93 -7.81
C SER C 127 2.73 -20.14 -7.97
N GLY C 128 2.38 -20.45 -9.21
CA GLY C 128 1.67 -21.68 -9.53
C GLY C 128 2.40 -22.43 -10.62
N SER C 129 2.28 -23.75 -10.59
CA SER C 129 3.10 -24.61 -11.43
C SER C 129 2.27 -25.72 -12.07
N PHE C 130 2.81 -26.28 -13.14
CA PHE C 130 2.34 -27.55 -13.67
C PHE C 130 2.47 -28.67 -12.64
N ASP C 131 3.32 -28.49 -11.61
CA ASP C 131 3.39 -29.52 -10.57
C ASP C 131 2.18 -29.53 -9.65
N GLU C 132 1.16 -28.71 -9.95
CA GLU C 132 -0.16 -28.71 -9.28
C GLU C 132 -0.14 -27.98 -7.94
N SER C 133 0.98 -27.36 -7.58
CA SER C 133 1.11 -26.69 -6.30
C SER C 133 1.10 -25.18 -6.47
N VAL C 134 0.77 -24.50 -5.37
CA VAL C 134 0.95 -23.06 -5.22
C VAL C 134 2.02 -22.86 -4.16
N ARG C 135 3.05 -22.09 -4.48
CA ARG C 135 4.13 -21.86 -3.52
C ARG C 135 4.17 -20.40 -3.11
N ILE C 136 4.41 -20.17 -1.83
CA ILE C 136 4.57 -18.83 -1.26
C ILE C 136 6.03 -18.69 -0.84
N TRP C 137 6.69 -17.65 -1.35
CA TRP C 137 8.12 -17.45 -1.22
C TRP C 137 8.42 -16.15 -0.49
N ASP C 138 9.48 -16.19 0.32
CA ASP C 138 10.05 -15.00 0.95
C ASP C 138 10.96 -14.27 -0.04
N VAL C 139 10.66 -13.00 -0.30
CA VAL C 139 11.42 -12.24 -1.29
C VAL C 139 12.85 -12.00 -0.81
N LYS C 140 13.03 -11.71 0.48
CA LYS C 140 14.35 -11.35 1.00
C LYS C 140 15.30 -12.53 0.92
N THR C 141 14.89 -13.69 1.43
CA THR C 141 15.75 -14.87 1.49
C THR C 141 15.63 -15.77 0.27
N GLY C 142 14.55 -15.65 -0.50
CA GLY C 142 14.36 -16.56 -1.61
C GLY C 142 13.94 -17.96 -1.21
N LYS C 143 13.39 -18.12 -0.01
CA LYS C 143 13.07 -19.44 0.52
C LYS C 143 11.59 -19.71 0.33
N CYS C 144 11.26 -20.96 0.00
CA CYS C 144 9.85 -21.29 -0.09
C CYS C 144 9.27 -21.30 1.32
N LEU C 145 8.35 -20.39 1.61
CA LEU C 145 7.77 -20.35 2.94
C LEU C 145 6.73 -21.44 3.12
N LYS C 146 5.89 -21.64 2.08
CA LYS C 146 4.69 -22.49 2.17
C LYS C 146 4.47 -23.19 0.81
N THR C 147 4.13 -24.48 0.86
CA THR C 147 3.74 -25.23 -0.33
C THR C 147 2.32 -25.75 -0.18
N LEU C 148 1.41 -25.14 -0.92
CA LEU C 148 -0.01 -25.48 -0.89
C LEU C 148 -0.30 -26.57 -1.92
N PRO C 149 -0.85 -27.72 -1.51
CA PRO C 149 -1.35 -28.76 -2.44
C PRO C 149 -2.66 -28.30 -3.06
N ALA C 150 -2.54 -27.30 -3.94
CA ALA C 150 -3.67 -26.46 -4.26
C ALA C 150 -4.67 -27.13 -5.20
N HIS C 151 -4.18 -27.93 -6.14
CA HIS C 151 -5.00 -28.40 -7.25
C HIS C 151 -4.55 -29.78 -7.68
N SER C 152 -5.35 -30.42 -8.53
CA SER C 152 -5.01 -31.75 -9.03
C SER C 152 -4.59 -31.70 -10.49
N ASP C 153 -4.25 -30.52 -10.99
CA ASP C 153 -3.85 -30.30 -12.38
C ASP C 153 -3.07 -28.99 -12.42
N PRO C 154 -2.45 -28.64 -13.55
CA PRO C 154 -1.62 -27.42 -13.58
C PRO C 154 -2.36 -26.19 -13.11
N VAL C 155 -1.64 -25.33 -12.41
CA VAL C 155 -2.19 -24.10 -11.85
C VAL C 155 -2.00 -22.97 -12.86
N SER C 156 -3.10 -22.38 -13.31
CA SER C 156 -3.05 -21.42 -14.39
C SER C 156 -2.81 -19.99 -13.92
N ALA C 157 -3.17 -19.65 -12.68
CA ALA C 157 -3.05 -18.26 -12.26
C ALA C 157 -2.98 -18.20 -10.73
N VAL C 158 -2.25 -17.20 -10.22
CA VAL C 158 -2.19 -16.90 -8.78
C VAL C 158 -2.17 -15.39 -8.63
N HIS C 159 -2.92 -14.88 -7.65
CA HIS C 159 -3.04 -13.44 -7.47
C HIS C 159 -3.34 -13.15 -6.00
N PHE C 160 -2.68 -12.13 -5.44
CA PHE C 160 -2.98 -11.65 -4.12
C PHE C 160 -4.08 -10.61 -4.24
N ASN C 161 -4.91 -10.50 -3.19
CA ASN C 161 -5.88 -9.42 -3.19
C ASN C 161 -5.19 -8.13 -2.75
N ARG C 162 -5.96 -7.04 -2.74
CA ARG C 162 -5.37 -5.72 -2.55
C ARG C 162 -4.67 -5.57 -1.21
N ASP C 163 -5.12 -6.27 -0.17
CA ASP C 163 -4.44 -6.15 1.11
C ASP C 163 -3.50 -7.31 1.38
N GLY C 164 -3.35 -8.24 0.44
CA GLY C 164 -2.42 -9.33 0.59
C GLY C 164 -2.83 -10.42 1.55
N SER C 165 -4.03 -10.32 2.14
CA SER C 165 -4.50 -11.34 3.09
C SER C 165 -5.01 -12.59 2.40
N LEU C 166 -5.32 -12.52 1.11
CA LEU C 166 -5.88 -13.65 0.37
C LEU C 166 -5.09 -13.89 -0.90
N ILE C 167 -5.06 -15.16 -1.32
CA ILE C 167 -4.55 -15.59 -2.61
C ILE C 167 -5.67 -16.29 -3.35
N VAL C 168 -5.86 -15.98 -4.62
CA VAL C 168 -6.77 -16.75 -5.45
C VAL C 168 -5.95 -17.56 -6.45
N SER C 169 -6.32 -18.81 -6.62
CA SER C 169 -5.67 -19.69 -7.58
C SER C 169 -6.71 -20.34 -8.48
N SER C 170 -6.28 -20.72 -9.68
CA SER C 170 -7.13 -21.37 -10.66
C SER C 170 -6.36 -22.52 -11.27
N SER C 171 -7.09 -23.49 -11.83
CA SER C 171 -6.43 -24.67 -12.37
C SER C 171 -7.24 -25.31 -13.48
N TYR C 172 -6.55 -26.10 -14.29
CA TYR C 172 -7.20 -26.95 -15.27
C TYR C 172 -8.16 -27.94 -14.62
N ASP C 173 -7.99 -28.25 -13.33
CA ASP C 173 -8.90 -29.17 -12.65
C ASP C 173 -10.31 -28.62 -12.54
N GLY C 174 -10.53 -27.37 -12.90
CA GLY C 174 -11.85 -26.76 -12.92
C GLY C 174 -12.20 -25.93 -11.69
N LEU C 175 -11.27 -25.75 -10.77
CA LEU C 175 -11.57 -25.10 -9.50
C LEU C 175 -10.96 -23.71 -9.44
N CYS C 176 -11.67 -22.81 -8.75
CA CYS C 176 -11.04 -21.60 -8.23
C CYS C 176 -10.97 -21.72 -6.71
N ARG C 177 -9.82 -21.39 -6.13
CA ARG C 177 -9.68 -21.50 -4.67
C ARG C 177 -9.16 -20.21 -4.08
N ILE C 178 -9.75 -19.83 -2.94
CA ILE C 178 -9.32 -18.71 -2.12
C ILE C 178 -8.62 -19.24 -0.89
N TRP C 179 -7.40 -18.74 -0.66
CA TRP C 179 -6.48 -19.17 0.37
C TRP C 179 -6.16 -18.02 1.30
N ASP C 180 -6.17 -18.30 2.60
CA ASP C 180 -5.64 -17.36 3.58
C ASP C 180 -4.12 -17.36 3.51
N THR C 181 -3.54 -16.18 3.21
CA THR C 181 -2.08 -16.10 3.07
C THR C 181 -1.36 -16.51 4.35
N ALA C 182 -1.87 -16.04 5.49
CA ALA C 182 -1.17 -16.28 6.76
C ALA C 182 -1.29 -17.74 7.20
N SER C 183 -2.48 -18.32 7.11
CA SER C 183 -2.72 -19.66 7.63
C SER C 183 -2.43 -20.75 6.61
N GLY C 184 -2.47 -20.41 5.32
CA GLY C 184 -2.29 -21.38 4.27
C GLY C 184 -3.49 -22.25 4.01
N GLN C 185 -4.60 -22.01 4.69
CA GLN C 185 -5.77 -22.85 4.55
C GLN C 185 -6.66 -22.35 3.44
N CYS C 186 -7.30 -23.30 2.76
CA CYS C 186 -8.26 -22.95 1.73
C CYS C 186 -9.51 -22.40 2.39
N LEU C 187 -9.88 -21.18 2.03
CA LEU C 187 -11.05 -20.55 2.61
C LEU C 187 -12.28 -20.75 1.75
N LYS C 188 -12.10 -21.00 0.45
CA LYS C 188 -13.29 -21.06 -0.40
C LYS C 188 -12.96 -21.80 -1.70
N THR C 189 -13.83 -22.70 -2.13
CA THR C 189 -13.67 -23.38 -3.42
C THR C 189 -14.89 -23.11 -4.30
N LEU C 190 -14.67 -22.43 -5.42
CA LEU C 190 -15.70 -22.24 -6.44
C LEU C 190 -15.69 -23.39 -7.45
N ILE C 191 -16.80 -24.13 -7.46
CA ILE C 191 -17.05 -25.29 -8.31
C ILE C 191 -18.11 -24.98 -9.35
N ASP C 192 -17.98 -25.60 -10.52
CA ASP C 192 -18.95 -25.60 -11.60
C ASP C 192 -19.17 -27.05 -11.98
N ASP C 193 -20.43 -27.49 -12.01
CA ASP C 193 -20.70 -28.91 -12.23
C ASP C 193 -20.31 -29.36 -13.64
N ASP C 194 -20.20 -28.43 -14.59
CA ASP C 194 -19.64 -28.79 -15.88
C ASP C 194 -18.12 -28.78 -15.86
N ASN C 195 -17.52 -28.27 -14.79
CA ASN C 195 -16.09 -28.28 -14.53
C ASN C 195 -15.20 -27.95 -15.72
N PRO C 196 -15.43 -26.85 -16.45
CA PRO C 196 -14.49 -26.47 -17.50
C PRO C 196 -13.16 -26.06 -16.88
N PRO C 197 -12.05 -26.28 -17.57
CA PRO C 197 -10.76 -25.83 -17.05
C PRO C 197 -10.77 -24.33 -16.78
N VAL C 198 -10.24 -23.94 -15.63
CA VAL C 198 -10.12 -22.52 -15.31
C VAL C 198 -8.72 -22.08 -15.72
N SER C 199 -8.66 -21.15 -16.67
CA SER C 199 -7.42 -20.74 -17.31
C SER C 199 -6.88 -19.40 -16.80
N PHE C 200 -7.65 -18.66 -16.01
CA PHE C 200 -7.18 -17.39 -15.46
C PHE C 200 -8.10 -16.97 -14.33
N VAL C 201 -7.52 -16.29 -13.34
CA VAL C 201 -8.29 -15.68 -12.26
C VAL C 201 -7.48 -14.51 -11.71
N LYS C 202 -8.19 -13.49 -11.23
CA LYS C 202 -7.56 -12.40 -10.49
C LYS C 202 -8.61 -11.65 -9.69
N PHE C 203 -8.19 -11.05 -8.58
CA PHE C 203 -9.07 -10.22 -7.78
C PHE C 203 -9.39 -8.91 -8.49
N SER C 204 -10.61 -8.41 -8.23
CA SER C 204 -10.97 -7.07 -8.62
C SER C 204 -10.11 -6.08 -7.83
N PRO C 205 -9.94 -4.86 -8.33
CA PRO C 205 -9.14 -3.87 -7.58
C PRO C 205 -9.60 -3.66 -6.16
N ASN C 206 -10.90 -3.67 -5.90
CA ASN C 206 -11.36 -3.49 -4.53
C ASN C 206 -11.23 -4.77 -3.68
N GLY C 207 -10.93 -5.90 -4.31
CA GLY C 207 -10.71 -7.15 -3.60
C GLY C 207 -11.96 -7.94 -3.28
N LYS C 208 -13.14 -7.43 -3.63
CA LYS C 208 -14.39 -8.08 -3.28
C LYS C 208 -14.82 -9.13 -4.28
N TYR C 209 -14.30 -9.08 -5.52
CA TYR C 209 -14.71 -9.97 -6.58
C TYR C 209 -13.49 -10.67 -7.17
N ILE C 210 -13.74 -11.77 -7.88
CA ILE C 210 -12.70 -12.37 -8.70
C ILE C 210 -13.23 -12.53 -10.12
N LEU C 211 -12.34 -12.31 -11.08
CA LEU C 211 -12.63 -12.49 -12.49
C LEU C 211 -11.96 -13.80 -12.92
N ALA C 212 -12.74 -14.76 -13.40
CA ALA C 212 -12.25 -16.08 -13.73
C ALA C 212 -12.55 -16.40 -15.19
N ALA C 213 -11.53 -16.80 -15.94
CA ALA C 213 -11.73 -17.27 -17.31
C ALA C 213 -11.77 -18.78 -17.32
N THR C 214 -12.68 -19.35 -18.12
CA THR C 214 -12.73 -20.79 -18.29
C THR C 214 -12.63 -21.13 -19.77
N LEU C 215 -12.11 -22.31 -20.08
CA LEU C 215 -11.85 -22.68 -21.47
C LEU C 215 -13.10 -23.18 -22.18
N ASP C 216 -14.22 -22.50 -21.94
CA ASP C 216 -15.46 -22.65 -22.68
C ASP C 216 -15.90 -21.31 -23.26
N ASN C 217 -14.94 -20.46 -23.61
CA ASN C 217 -15.20 -19.14 -24.21
C ASN C 217 -15.99 -18.22 -23.28
N THR C 218 -15.68 -18.28 -21.98
CA THR C 218 -16.47 -17.56 -20.99
C THR C 218 -15.57 -16.91 -19.94
N LEU C 219 -15.88 -15.65 -19.61
CA LEU C 219 -15.33 -14.95 -18.46
C LEU C 219 -16.44 -14.72 -17.44
N LYS C 220 -16.11 -14.82 -16.14
CA LYS C 220 -17.11 -14.66 -15.11
C LYS C 220 -16.61 -13.75 -13.99
N LEU C 221 -17.48 -12.87 -13.52
CA LEU C 221 -17.27 -12.08 -12.33
C LEU C 221 -18.03 -12.74 -11.19
N TRP C 222 -17.29 -13.10 -10.13
CA TRP C 222 -17.79 -13.85 -8.98
C TRP C 222 -17.66 -13.02 -7.72
N ASP C 223 -18.70 -13.05 -6.88
CA ASP C 223 -18.58 -12.70 -5.46
C ASP C 223 -18.18 -13.99 -4.76
N TYR C 224 -16.89 -14.12 -4.43
CA TYR C 224 -16.40 -15.40 -3.92
C TYR C 224 -16.88 -15.68 -2.50
N SER C 225 -17.09 -14.65 -1.67
CA SER C 225 -17.62 -14.88 -0.33
C SER C 225 -19.00 -15.55 -0.39
N LYS C 226 -19.91 -14.97 -1.19
CA LYS C 226 -21.22 -15.56 -1.37
C LYS C 226 -21.21 -16.76 -2.29
N GLY C 227 -20.15 -16.95 -3.07
CA GLY C 227 -20.11 -18.02 -4.03
C GLY C 227 -21.07 -17.82 -5.18
N LYS C 228 -21.34 -16.57 -5.55
CA LYS C 228 -22.33 -16.24 -6.56
C LYS C 228 -21.63 -15.66 -7.78
N CYS C 229 -22.02 -16.15 -8.96
CA CYS C 229 -21.54 -15.54 -10.20
C CYS C 229 -22.38 -14.31 -10.47
N LEU C 230 -21.73 -13.15 -10.55
CA LEU C 230 -22.44 -11.90 -10.71
C LEU C 230 -22.55 -11.50 -12.17
N LYS C 231 -21.54 -11.77 -12.99
CA LYS C 231 -21.56 -11.33 -14.38
C LYS C 231 -20.91 -12.40 -15.26
N THR C 232 -21.41 -12.53 -16.50
CA THR C 232 -20.75 -13.39 -17.48
C THR C 232 -20.52 -12.62 -18.76
N TYR C 233 -19.30 -12.76 -19.31
CA TYR C 233 -18.87 -12.09 -20.53
C TYR C 233 -18.49 -13.14 -21.56
N THR C 234 -19.06 -13.00 -22.76
CA THR C 234 -18.90 -13.93 -23.86
C THR C 234 -18.78 -13.15 -25.16
N GLY C 235 -18.63 -13.88 -26.26
CA GLY C 235 -18.44 -13.31 -27.58
C GLY C 235 -17.05 -13.52 -28.13
N HIS C 236 -16.07 -13.72 -27.25
CA HIS C 236 -14.69 -13.99 -27.59
C HIS C 236 -14.44 -15.50 -27.69
N LYS C 237 -13.22 -15.86 -28.11
CA LYS C 237 -12.79 -17.24 -28.28
C LYS C 237 -11.72 -17.58 -27.25
N ASN C 238 -12.00 -18.56 -26.40
CA ASN C 238 -11.00 -18.99 -25.42
C ASN C 238 -11.31 -20.44 -25.05
N GLU C 239 -10.63 -21.37 -25.73
CA GLU C 239 -10.77 -22.80 -25.50
C GLU C 239 -9.45 -23.51 -25.30
N LYS C 240 -8.33 -22.84 -25.54
CA LYS C 240 -7.04 -23.53 -25.63
C LYS C 240 -5.97 -22.92 -24.75
N TYR C 241 -5.95 -21.60 -24.57
CA TYR C 241 -4.84 -20.89 -23.95
C TYR C 241 -5.29 -20.16 -22.69
N CYS C 242 -4.33 -19.98 -21.78
CA CYS C 242 -4.54 -19.24 -20.54
C CYS C 242 -4.31 -17.76 -20.84
N ILE C 243 -5.38 -17.10 -21.23
CA ILE C 243 -5.35 -15.70 -21.64
C ILE C 243 -5.61 -14.82 -20.42
N PHE C 244 -4.78 -13.79 -20.25
CA PHE C 244 -4.99 -12.82 -19.16
C PHE C 244 -6.25 -11.99 -19.41
N ALA C 245 -6.91 -11.63 -18.31
CA ALA C 245 -8.02 -10.68 -18.35
C ALA C 245 -7.78 -9.62 -17.27
N ASN C 246 -8.44 -8.46 -17.43
CA ASN C 246 -8.19 -7.30 -16.58
C ASN C 246 -9.45 -6.50 -16.31
N PHE C 247 -9.40 -5.80 -15.18
CA PHE C 247 -10.30 -4.70 -14.89
C PHE C 247 -9.64 -3.41 -15.38
N SER C 248 -10.33 -2.66 -16.23
CA SER C 248 -9.91 -1.32 -16.64
C SER C 248 -10.71 -0.32 -15.83
N VAL C 249 -10.00 0.54 -15.07
CA VAL C 249 -10.63 1.42 -14.10
C VAL C 249 -10.22 2.89 -14.28
N THR C 250 -9.29 3.16 -15.20
CA THR C 250 -8.81 4.54 -15.34
C THR C 250 -9.86 5.45 -15.97
N GLY C 251 -10.69 4.92 -16.86
CA GLY C 251 -11.78 5.67 -17.43
C GLY C 251 -13.12 5.01 -17.13
N GLY C 252 -13.84 4.60 -18.17
CA GLY C 252 -14.98 3.73 -17.96
C GLY C 252 -14.58 2.42 -17.33
N LYS C 253 -15.53 1.78 -16.66
CA LYS C 253 -15.28 0.52 -15.96
C LYS C 253 -15.44 -0.62 -16.95
N TRP C 254 -14.32 -1.14 -17.46
CA TRP C 254 -14.35 -2.18 -18.47
C TRP C 254 -13.73 -3.48 -17.98
N ILE C 255 -14.09 -4.57 -18.67
CA ILE C 255 -13.37 -5.84 -18.64
C ILE C 255 -12.62 -6.00 -19.95
N VAL C 256 -11.33 -6.36 -19.87
CA VAL C 256 -10.46 -6.46 -21.04
C VAL C 256 -9.90 -7.88 -21.11
N SER C 257 -9.91 -8.47 -22.30
CA SER C 257 -9.34 -9.80 -22.46
C SER C 257 -8.76 -9.97 -23.86
N GLY C 258 -7.72 -10.79 -23.95
CA GLY C 258 -7.32 -11.31 -25.24
C GLY C 258 -8.29 -12.36 -25.73
N SER C 259 -8.06 -12.82 -26.96
CA SER C 259 -8.95 -13.82 -27.56
C SER C 259 -8.17 -14.63 -28.58
N GLU C 260 -8.66 -15.85 -28.83
CA GLU C 260 -8.05 -16.73 -29.81
C GLU C 260 -8.48 -16.42 -31.24
N ASP C 261 -9.34 -15.43 -31.46
CA ASP C 261 -9.60 -14.92 -32.80
C ASP C 261 -8.76 -13.69 -33.12
N ASN C 262 -7.68 -13.46 -32.36
CA ASN C 262 -6.64 -12.46 -32.60
C ASN C 262 -7.11 -11.04 -32.25
N LEU C 263 -8.21 -10.88 -31.52
CA LEU C 263 -8.75 -9.58 -31.15
C LEU C 263 -8.60 -9.34 -29.66
N VAL C 264 -8.55 -8.06 -29.28
CA VAL C 264 -8.74 -7.66 -27.90
C VAL C 264 -10.20 -7.33 -27.69
N TYR C 265 -10.83 -7.93 -26.68
CA TYR C 265 -12.22 -7.68 -26.37
C TYR C 265 -12.32 -6.77 -25.16
N ILE C 266 -13.21 -5.78 -25.24
CA ILE C 266 -13.50 -4.88 -24.15
C ILE C 266 -15.01 -4.88 -23.94
N TRP C 267 -15.43 -5.23 -22.72
CA TRP C 267 -16.82 -5.28 -22.31
C TRP C 267 -17.10 -4.18 -21.29
N ASN C 268 -18.34 -3.71 -21.29
CA ASN C 268 -18.85 -2.92 -20.17
C ASN C 268 -19.06 -3.85 -18.98
N LEU C 269 -18.41 -3.54 -17.85
CA LEU C 269 -18.44 -4.44 -16.70
C LEU C 269 -19.87 -4.68 -16.20
N GLN C 270 -20.70 -3.65 -16.16
CA GLN C 270 -22.01 -3.79 -15.57
C GLN C 270 -23.02 -4.42 -16.53
N THR C 271 -23.05 -3.93 -17.78
CA THR C 271 -24.03 -4.44 -18.73
C THR C 271 -23.60 -5.71 -19.44
N LYS C 272 -22.30 -6.02 -19.43
CA LYS C 272 -21.70 -7.18 -20.07
C LYS C 272 -21.69 -7.07 -21.59
N GLU C 273 -22.11 -5.93 -22.15
CA GLU C 273 -22.02 -5.73 -23.58
C GLU C 273 -20.57 -5.59 -24.03
N ILE C 274 -20.27 -6.12 -25.22
CA ILE C 274 -19.00 -5.79 -25.86
C ILE C 274 -19.05 -4.33 -26.28
N VAL C 275 -18.07 -3.55 -25.84
CA VAL C 275 -18.01 -2.15 -26.22
C VAL C 275 -16.90 -1.88 -27.22
N GLN C 276 -15.92 -2.77 -27.36
CA GLN C 276 -14.98 -2.55 -28.45
C GLN C 276 -14.18 -3.82 -28.70
N LYS C 277 -13.80 -4.02 -29.97
CA LYS C 277 -12.86 -5.07 -30.35
C LYS C 277 -11.68 -4.44 -31.07
N LEU C 278 -10.47 -4.71 -30.57
CA LEU C 278 -9.24 -4.16 -31.12
C LEU C 278 -8.64 -5.16 -32.10
N GLN C 279 -8.48 -4.74 -33.35
CA GLN C 279 -7.95 -5.57 -34.43
C GLN C 279 -6.53 -5.13 -34.80
N GLY C 280 -5.73 -6.10 -35.24
CA GLY C 280 -4.38 -5.82 -35.70
C GLY C 280 -3.36 -6.90 -35.41
N HIS C 281 -3.59 -7.66 -34.35
CA HIS C 281 -2.75 -8.82 -34.07
C HIS C 281 -3.03 -9.92 -35.10
N THR C 282 -2.01 -10.74 -35.37
CA THR C 282 -2.13 -11.82 -36.35
C THR C 282 -2.05 -13.20 -35.72
N ASP C 283 -2.16 -13.27 -34.39
CA ASP C 283 -2.23 -14.55 -33.69
C ASP C 283 -2.99 -14.32 -32.38
N VAL C 284 -3.22 -15.42 -31.65
CA VAL C 284 -3.91 -15.40 -30.38
C VAL C 284 -3.33 -14.29 -29.50
N VAL C 285 -4.20 -13.45 -28.96
CA VAL C 285 -3.77 -12.40 -28.03
C VAL C 285 -3.72 -13.05 -26.66
N ILE C 286 -2.52 -13.48 -26.27
CA ILE C 286 -2.35 -14.26 -25.05
C ILE C 286 -2.43 -13.36 -23.84
N SER C 287 -2.12 -12.08 -23.99
CA SER C 287 -1.99 -11.25 -22.80
C SER C 287 -2.45 -9.83 -23.08
N THR C 288 -3.14 -9.24 -22.10
CA THR C 288 -3.47 -7.82 -22.09
C THR C 288 -3.16 -7.28 -20.70
N ALA C 289 -2.92 -5.98 -20.63
CA ALA C 289 -2.66 -5.28 -19.39
C ALA C 289 -3.20 -3.86 -19.53
N CYS C 290 -3.67 -3.30 -18.42
CA CYS C 290 -4.21 -1.94 -18.41
C CYS C 290 -3.28 -1.03 -17.62
N HIS C 291 -2.94 0.11 -18.21
CA HIS C 291 -2.06 1.07 -17.55
C HIS C 291 -2.70 1.56 -16.25
N PRO C 292 -1.90 1.79 -15.20
CA PRO C 292 -2.49 2.13 -13.89
C PRO C 292 -3.11 3.51 -13.80
N THR C 293 -2.75 4.47 -14.68
CA THR C 293 -3.31 5.81 -14.54
C THR C 293 -3.91 6.34 -15.85
N GLU C 294 -3.40 5.88 -16.99
CA GLU C 294 -3.88 6.33 -18.28
C GLU C 294 -4.74 5.25 -18.94
N ASN C 295 -5.61 5.68 -19.85
CA ASN C 295 -6.43 4.74 -20.64
C ASN C 295 -5.56 4.15 -21.75
N ILE C 296 -4.66 3.25 -21.34
CA ILE C 296 -3.73 2.60 -22.24
C ILE C 296 -3.82 1.09 -22.01
N ILE C 297 -3.90 0.33 -23.10
CA ILE C 297 -3.87 -1.12 -23.06
C ILE C 297 -2.61 -1.60 -23.76
N ALA C 298 -1.94 -2.58 -23.14
CA ALA C 298 -0.91 -3.34 -23.82
C ALA C 298 -1.48 -4.72 -24.12
N SER C 299 -1.19 -5.21 -25.33
CA SER C 299 -1.63 -6.51 -25.78
C SER C 299 -0.46 -7.25 -26.41
N ALA C 300 -0.49 -8.57 -26.34
CA ALA C 300 0.60 -9.36 -26.88
C ALA C 300 0.07 -10.71 -27.34
N ALA C 301 0.76 -11.27 -28.34
CA ALA C 301 0.24 -12.35 -29.16
C ALA C 301 1.28 -13.45 -29.36
N LEU C 302 0.80 -14.58 -29.88
CA LEU C 302 1.57 -15.83 -30.00
C LEU C 302 2.45 -15.91 -31.26
N GLU C 303 2.87 -17.14 -31.60
CA GLU C 303 4.00 -17.40 -32.51
C GLU C 303 3.90 -16.67 -33.85
N ASN C 304 2.71 -16.60 -34.44
CA ASN C 304 2.59 -16.02 -35.77
C ASN C 304 2.72 -14.50 -35.76
N ASP C 305 2.69 -13.89 -34.57
CA ASP C 305 2.68 -12.44 -34.45
C ASP C 305 3.92 -11.91 -33.73
N LYS C 306 4.14 -12.34 -32.48
CA LYS C 306 5.34 -12.07 -31.69
C LYS C 306 5.49 -10.60 -31.27
N THR C 307 4.46 -9.77 -31.44
CA THR C 307 4.59 -8.36 -31.10
C THR C 307 3.73 -7.99 -29.90
N ILE C 308 4.05 -6.83 -29.35
CA ILE C 308 3.28 -6.15 -28.32
C ILE C 308 2.70 -4.88 -28.95
N LYS C 309 1.44 -4.60 -28.66
CA LYS C 309 0.77 -3.40 -29.17
C LYS C 309 0.28 -2.53 -28.02
N LEU C 310 0.48 -1.23 -28.15
CA LEU C 310 0.00 -0.25 -27.19
C LEU C 310 -1.16 0.51 -27.82
N TRP C 311 -2.25 0.64 -27.07
CA TRP C 311 -3.49 1.24 -27.55
C TRP C 311 -3.89 2.33 -26.57
N LYS C 312 -4.43 3.43 -27.08
CA LYS C 312 -4.83 4.53 -26.20
C LYS C 312 -6.24 4.97 -26.53
N SER C 313 -6.98 5.36 -25.48
CA SER C 313 -8.37 5.77 -25.60
C SER C 313 -8.61 7.04 -24.81
N ASP C 314 -9.68 7.76 -25.21
CA ASP C 314 -10.10 8.96 -24.48
C ASP C 314 -10.87 8.62 -23.21
N CYS C 315 -11.47 7.43 -23.16
CA CYS C 315 -12.24 6.99 -22.00
C CYS C 315 -12.02 5.50 -21.76
N GLY D 1 10.61 -23.41 -25.10
CA GLY D 1 9.35 -22.68 -25.17
C GLY D 1 8.83 -22.31 -23.80
N ALA D 2 7.56 -21.92 -23.74
CA ALA D 2 6.92 -21.60 -22.48
C ALA D 2 5.53 -22.22 -22.46
N ALA D 3 5.16 -22.75 -21.29
CA ALA D 3 3.91 -23.48 -21.17
C ALA D 3 2.70 -22.61 -21.53
N ARG D 4 2.72 -21.34 -21.14
CA ARG D 4 1.58 -20.48 -21.48
C ARG D 4 1.40 -20.34 -22.98
N CYS D 5 2.47 -20.49 -23.75
CA CYS D 5 2.41 -20.34 -25.19
C CYS D 5 2.01 -21.63 -25.89
N ARG D 6 1.69 -22.67 -25.13
CA ARG D 6 1.16 -23.93 -25.66
C ARG D 6 -0.25 -24.15 -25.16
N VAL D 7 -0.98 -25.05 -25.83
CA VAL D 7 -2.33 -25.38 -25.40
C VAL D 7 -2.30 -25.86 -23.95
N PHE D 8 -3.23 -25.35 -23.14
CA PHE D 8 -3.25 -25.63 -21.71
C PHE D 8 -3.85 -27.02 -21.50
N SER D 9 -2.98 -27.99 -21.22
CA SER D 9 -3.41 -29.31 -20.80
C SER D 9 -2.35 -29.88 -19.88
N PRO D 10 -2.73 -30.79 -18.96
CA PRO D 10 -1.80 -31.48 -18.05
C PRO D 10 -0.61 -32.13 -18.76
#